data_1L5N
#
_entry.id   1L5N
#
_cell.length_a   71.870
_cell.length_b   90.220
_cell.length_c   47.510
_cell.angle_alpha   90.00
_cell.angle_beta   90.00
_cell.angle_gamma   90.00
#
_symmetry.space_group_name_H-M   'P 21 21 2'
#
loop_
_entity.id
_entity.type
_entity.pdbx_description
1 polymer 'Nicotinate-nucleotide--dimethylbenzimidazole phosphoribosyltransferase'
2 non-polymer 'PHOSPHATE ION'
3 non-polymer IMIDAZOLE
4 water water
#
_entity_poly.entity_id   1
_entity_poly.type   'polypeptide(L)'
_entity_poly.pdbx_seq_one_letter_code
;MQTLHALLRDIPAPDAEAMARTQQHIDGLLKPPGSLGRLETLAVQLAGMPGLNGTPQVGEKAVLVMCADHGVWDEGVAVS
PKIVTAIQAANMTRGTTGVCVLAAQAGAKVHVIDVGIDAEPIPGVVNMRVARGCGNIAVGPAMSRLQAEALLLEVSRYTC
DLAQRGVTLFGVGELGMANTTPAAAMVSVFTGSDAKEVVGIGANLPPSRIDNKVDVVRRAIAINQPNPRDGIDVLSKVGG
FDLVGMTGVMLGAARCGLPVLLDGFLSYSAALAACQIAPAVRPYLIPSHFSAEKGARIALAHLSMEPYLHMAMRLGEGSG
AALAMPIVEAACAMFHNMGELAASNIVLPEGNANAT
;
_entity_poly.pdbx_strand_id   A
#
loop_
_chem_comp.id
_chem_comp.type
_chem_comp.name
_chem_comp.formula
IMD non-polymer IMIDAZOLE 'C3 H5 N2 1'
PO4 non-polymer 'PHOSPHATE ION' 'O4 P -3'
#
# COMPACT_ATOMS: atom_id res chain seq x y z
N LEU A 4 -12.18 -4.18 -16.50
CA LEU A 4 -11.87 -4.36 -15.04
C LEU A 4 -12.09 -5.81 -14.63
N HIS A 5 -13.17 -6.41 -15.13
CA HIS A 5 -13.45 -7.81 -14.82
C HIS A 5 -12.35 -8.62 -15.49
N ALA A 6 -11.90 -8.17 -16.65
CA ALA A 6 -10.83 -8.82 -17.41
C ALA A 6 -9.55 -8.72 -16.61
N LEU A 7 -9.29 -7.51 -16.13
CA LEU A 7 -8.12 -7.22 -15.32
C LEU A 7 -8.02 -8.21 -14.17
N LEU A 8 -9.07 -8.27 -13.37
CA LEU A 8 -9.11 -9.14 -12.21
C LEU A 8 -8.98 -10.60 -12.61
N ARG A 9 -9.63 -10.97 -13.70
CA ARG A 9 -9.57 -12.35 -14.16
C ARG A 9 -8.16 -12.78 -14.58
N ASP A 10 -7.39 -11.87 -15.14
CA ASP A 10 -6.04 -12.19 -15.61
C ASP A 10 -4.88 -12.08 -14.60
N ILE A 11 -5.16 -11.89 -13.32
CA ILE A 11 -4.07 -11.82 -12.32
C ILE A 11 -3.49 -13.22 -12.24
N PRO A 12 -2.16 -13.37 -12.47
CA PRO A 12 -1.54 -14.69 -12.43
C PRO A 12 -1.35 -15.31 -11.06
N ALA A 13 -1.44 -16.64 -11.00
CA ALA A 13 -1.20 -17.33 -9.74
C ALA A 13 0.33 -17.38 -9.62
N PRO A 14 0.85 -17.54 -8.38
CA PRO A 14 2.30 -17.62 -8.19
C PRO A 14 2.81 -18.91 -8.86
N ASP A 15 4.06 -18.90 -9.31
CA ASP A 15 4.69 -20.03 -9.99
C ASP A 15 5.32 -20.99 -8.95
N ALA A 16 4.61 -22.08 -8.63
CA ALA A 16 5.11 -23.02 -7.64
C ALA A 16 6.43 -23.68 -8.07
N GLU A 17 6.63 -23.83 -9.37
CA GLU A 17 7.85 -24.48 -9.87
C GLU A 17 9.09 -23.63 -9.58
N ALA A 18 8.99 -22.33 -9.86
CA ALA A 18 10.13 -21.43 -9.59
C ALA A 18 10.39 -21.37 -8.09
N MET A 19 9.34 -21.40 -7.29
CA MET A 19 9.52 -21.33 -5.84
C MET A 19 10.20 -22.59 -5.29
N ALA A 20 9.88 -23.76 -5.83
CA ALA A 20 10.54 -24.99 -5.34
C ALA A 20 12.03 -24.92 -5.70
N ARG A 21 12.33 -24.44 -6.90
CA ARG A 21 13.72 -24.31 -7.31
C ARG A 21 14.43 -23.30 -6.40
N THR A 22 13.73 -22.23 -6.05
CA THR A 22 14.33 -21.24 -5.18
C THR A 22 14.63 -21.83 -3.81
N GLN A 23 13.66 -22.54 -3.26
CA GLN A 23 13.85 -23.13 -1.95
C GLN A 23 15.06 -24.07 -1.91
N GLN A 24 15.18 -24.92 -2.93
CA GLN A 24 16.30 -25.86 -2.98
C GLN A 24 17.63 -25.12 -3.00
N HIS A 25 17.70 -24.02 -3.75
CA HIS A 25 18.93 -23.26 -3.83
C HIS A 25 19.29 -22.59 -2.49
N ILE A 26 18.29 -22.04 -1.81
CA ILE A 26 18.51 -21.39 -0.53
C ILE A 26 18.98 -22.39 0.53
N ASP A 27 18.43 -23.60 0.49
CA ASP A 27 18.80 -24.61 1.46
C ASP A 27 20.27 -25.00 1.35
N GLY A 28 20.82 -24.89 0.14
CA GLY A 28 22.22 -25.26 -0.08
C GLY A 28 23.23 -24.14 0.14
N LEU A 29 22.79 -22.98 0.61
CA LEU A 29 23.74 -21.89 0.77
C LEU A 29 24.56 -22.08 2.05
N LEU A 30 25.64 -21.31 2.16
CA LEU A 30 26.58 -21.38 3.29
C LEU A 30 26.01 -20.90 4.63
N LYS A 31 25.12 -21.70 5.21
CA LYS A 31 24.51 -21.33 6.48
C LYS A 31 23.68 -22.49 6.93
N PRO A 32 23.33 -22.54 8.22
CA PRO A 32 22.51 -23.63 8.73
C PRO A 32 21.16 -23.43 8.05
N PRO A 33 20.54 -24.52 7.58
CA PRO A 33 19.24 -24.41 6.93
C PRO A 33 18.23 -23.61 7.75
N GLY A 34 17.55 -22.68 7.07
CA GLY A 34 16.55 -21.84 7.70
C GLY A 34 17.07 -20.71 8.57
N SER A 35 18.39 -20.62 8.74
CA SER A 35 18.94 -19.60 9.61
C SER A 35 18.76 -18.15 9.21
N LEU A 36 18.48 -17.88 7.93
CA LEU A 36 18.26 -16.48 7.54
C LEU A 36 16.77 -16.12 7.58
N GLY A 37 16.00 -17.01 8.19
CA GLY A 37 14.57 -16.82 8.40
C GLY A 37 13.71 -16.13 7.36
N ARG A 38 13.14 -14.98 7.75
CA ARG A 38 12.26 -14.26 6.85
C ARG A 38 12.91 -13.75 5.58
N LEU A 39 14.23 -13.68 5.56
CA LEU A 39 14.92 -13.25 4.35
C LEU A 39 14.78 -14.42 3.34
N GLU A 40 14.78 -15.65 3.85
CA GLU A 40 14.66 -16.82 2.96
C GLU A 40 13.24 -16.89 2.39
N THR A 41 12.26 -16.73 3.27
CA THR A 41 10.84 -16.75 2.88
C THR A 41 10.53 -15.65 1.87
N LEU A 42 11.09 -14.47 2.11
CA LEU A 42 10.87 -13.37 1.19
C LEU A 42 11.46 -13.70 -0.18
N ALA A 43 12.65 -14.29 -0.22
CA ALA A 43 13.27 -14.64 -1.49
C ALA A 43 12.42 -15.64 -2.26
N VAL A 44 11.82 -16.58 -1.56
CA VAL A 44 11.00 -17.60 -2.22
C VAL A 44 9.71 -16.97 -2.73
N GLN A 45 9.16 -16.05 -1.94
CA GLN A 45 7.94 -15.37 -2.33
C GLN A 45 8.19 -14.63 -3.64
N LEU A 46 9.30 -13.91 -3.70
CA LEU A 46 9.65 -13.17 -4.91
C LEU A 46 9.85 -14.10 -6.14
N ALA A 47 10.47 -15.25 -5.93
CA ALA A 47 10.73 -16.17 -7.05
C ALA A 47 9.44 -16.60 -7.73
N GLY A 48 8.37 -16.65 -6.94
CA GLY A 48 7.10 -17.07 -7.49
C GLY A 48 6.29 -16.05 -8.27
N MET A 49 6.72 -14.79 -8.26
CA MET A 49 5.99 -13.73 -8.97
C MET A 49 6.43 -13.74 -10.45
N PRO A 50 5.51 -14.12 -11.37
CA PRO A 50 5.77 -14.21 -12.81
C PRO A 50 6.51 -13.06 -13.48
N GLY A 51 6.26 -11.84 -13.03
CA GLY A 51 6.96 -10.71 -13.65
C GLY A 51 8.44 -10.62 -13.31
N LEU A 52 8.88 -11.43 -12.36
CA LEU A 52 10.28 -11.43 -11.97
C LEU A 52 11.07 -12.53 -12.67
N ASN A 53 10.45 -13.17 -13.65
CA ASN A 53 11.18 -14.17 -14.43
C ASN A 53 11.87 -15.32 -13.67
N GLY A 54 11.14 -15.97 -12.75
CA GLY A 54 11.64 -17.12 -12.04
C GLY A 54 12.78 -16.98 -11.04
N THR A 55 13.12 -15.76 -10.66
CA THR A 55 14.21 -15.62 -9.73
C THR A 55 14.05 -14.36 -8.88
N PRO A 56 14.52 -14.37 -7.63
CA PRO A 56 14.35 -13.12 -6.86
C PRO A 56 15.28 -12.06 -7.43
N GLN A 57 14.74 -10.94 -7.86
CA GLN A 57 15.56 -9.87 -8.41
C GLN A 57 14.84 -8.54 -8.29
N VAL A 58 15.60 -7.46 -8.35
CA VAL A 58 15.04 -6.12 -8.28
C VAL A 58 15.71 -5.30 -9.35
N GLY A 59 14.91 -4.65 -10.19
CA GLY A 59 15.45 -3.82 -11.24
C GLY A 59 15.22 -2.39 -10.79
N GLU A 60 14.37 -1.65 -11.49
CA GLU A 60 14.09 -0.27 -11.08
C GLU A 60 13.00 -0.33 -10.01
N LYS A 61 12.96 0.70 -9.17
CA LYS A 61 11.99 0.79 -8.09
C LYS A 61 11.21 2.09 -8.15
N ALA A 62 9.92 2.01 -7.84
CA ALA A 62 9.08 3.21 -7.87
C ALA A 62 8.11 3.24 -6.69
N VAL A 63 7.93 4.41 -6.12
CA VAL A 63 6.96 4.60 -5.04
C VAL A 63 5.90 5.48 -5.66
N LEU A 64 4.66 5.00 -5.65
CA LEU A 64 3.53 5.79 -6.20
C LEU A 64 2.76 6.44 -5.06
N VAL A 65 2.69 7.77 -5.06
CA VAL A 65 2.04 8.49 -3.98
C VAL A 65 0.73 9.08 -4.48
N MET A 66 -0.39 8.57 -3.98
CA MET A 66 -1.72 9.01 -4.40
C MET A 66 -2.20 10.16 -3.54
N CYS A 67 -2.48 11.30 -4.15
CA CYS A 67 -2.89 12.49 -3.42
C CYS A 67 -4.32 12.93 -3.65
N ALA A 68 -5.05 13.24 -2.57
CA ALA A 68 -6.43 13.68 -2.72
C ALA A 68 -6.93 14.30 -1.45
N ASP A 69 -7.98 15.12 -1.58
CA ASP A 69 -8.58 15.76 -0.43
C ASP A 69 -9.91 15.06 -0.12
N HIS A 70 -10.38 15.27 1.10
CA HIS A 70 -11.56 14.61 1.63
C HIS A 70 -12.58 15.60 2.18
N GLY A 71 -13.85 15.44 1.81
CA GLY A 71 -14.86 16.34 2.31
C GLY A 71 -15.04 16.21 3.81
N VAL A 72 -14.72 15.04 4.39
CA VAL A 72 -14.89 14.82 5.83
C VAL A 72 -13.95 15.70 6.67
N TRP A 73 -13.03 16.38 6.01
CA TRP A 73 -12.14 17.30 6.72
C TRP A 73 -13.00 18.36 7.44
N ASP A 74 -14.14 18.71 6.85
CA ASP A 74 -15.02 19.72 7.44
C ASP A 74 -15.66 19.29 8.76
N GLU A 75 -15.60 17.99 9.08
CA GLU A 75 -16.20 17.51 10.33
C GLU A 75 -15.22 17.72 11.50
N GLY A 76 -14.09 18.38 11.25
CA GLY A 76 -13.13 18.63 12.30
C GLY A 76 -12.34 17.43 12.80
N VAL A 77 -12.09 16.46 11.91
CA VAL A 77 -11.37 15.24 12.29
C VAL A 77 -9.85 15.33 12.06
N ALA A 78 -9.38 16.47 11.59
CA ALA A 78 -7.95 16.67 11.31
C ALA A 78 -7.49 18.08 11.69
N VAL A 79 -6.33 18.20 12.33
CA VAL A 79 -5.81 19.51 12.72
C VAL A 79 -4.94 20.15 11.63
N SER A 80 -4.52 19.36 10.65
CA SER A 80 -3.70 19.93 9.58
C SER A 80 -4.57 20.77 8.64
N PRO A 81 -4.10 21.96 8.23
CA PRO A 81 -4.88 22.80 7.33
C PRO A 81 -5.13 22.01 6.02
N LYS A 82 -6.28 22.23 5.38
CA LYS A 82 -6.58 21.47 4.16
C LYS A 82 -5.55 21.66 3.05
N ILE A 83 -5.03 22.87 2.92
CA ILE A 83 -4.03 23.19 1.91
C ILE A 83 -2.75 22.39 2.01
N VAL A 84 -2.50 21.76 3.17
CA VAL A 84 -1.28 20.98 3.28
C VAL A 84 -1.22 19.88 2.22
N THR A 85 -2.37 19.33 1.80
CA THR A 85 -2.31 18.31 0.75
C THR A 85 -1.62 18.90 -0.49
N ALA A 86 -2.16 20.02 -0.98
CA ALA A 86 -1.61 20.68 -2.17
C ALA A 86 -0.14 21.12 -2.01
N ILE A 87 0.17 21.69 -0.85
CA ILE A 87 1.55 22.14 -0.61
C ILE A 87 2.55 20.99 -0.62
N GLN A 88 2.22 19.90 0.08
CA GLN A 88 3.09 18.74 0.15
C GLN A 88 3.21 18.06 -1.20
N ALA A 89 2.13 18.08 -1.99
CA ALA A 89 2.22 17.45 -3.30
C ALA A 89 3.26 18.21 -4.13
N ALA A 90 3.25 19.53 -4.02
CA ALA A 90 4.24 20.33 -4.73
C ALA A 90 5.64 20.00 -4.20
N ASN A 91 5.76 19.89 -2.87
CA ASN A 91 7.07 19.56 -2.30
C ASN A 91 7.57 18.22 -2.79
N MET A 92 6.66 17.30 -3.09
CA MET A 92 7.05 16.00 -3.59
C MET A 92 7.83 16.16 -4.91
N THR A 93 7.49 17.18 -5.69
CA THR A 93 8.19 17.40 -6.97
C THR A 93 9.55 18.04 -6.77
N ARG A 94 9.81 18.56 -5.56
CA ARG A 94 11.09 19.21 -5.27
C ARG A 94 12.07 18.32 -4.52
N GLY A 95 11.60 17.14 -4.12
CA GLY A 95 12.46 16.19 -3.43
C GLY A 95 12.76 16.46 -1.98
N THR A 96 11.95 17.27 -1.32
CA THR A 96 12.18 17.62 0.09
C THR A 96 11.34 16.90 1.11
N THR A 97 10.41 16.05 0.66
CA THR A 97 9.58 15.35 1.63
C THR A 97 10.23 14.08 2.17
N GLY A 98 9.65 13.55 3.24
CA GLY A 98 10.16 12.32 3.85
C GLY A 98 10.28 11.17 2.86
N VAL A 99 9.25 10.89 2.05
CA VAL A 99 9.36 9.77 1.12
C VAL A 99 10.42 10.02 0.03
N CYS A 100 10.56 11.27 -0.42
CA CYS A 100 11.58 11.59 -1.41
C CYS A 100 12.98 11.31 -0.90
N VAL A 101 13.25 11.74 0.32
CA VAL A 101 14.57 11.52 0.92
C VAL A 101 14.83 10.02 1.13
N LEU A 102 13.84 9.29 1.62
CA LEU A 102 14.03 7.87 1.84
C LEU A 102 14.06 7.08 0.53
N ALA A 103 13.33 7.55 -0.48
CA ALA A 103 13.32 6.84 -1.77
C ALA A 103 14.67 7.04 -2.42
N ALA A 104 15.19 8.28 -2.37
CA ALA A 104 16.50 8.55 -2.95
C ALA A 104 17.57 7.66 -2.30
N GLN A 105 17.47 7.48 -0.98
CA GLN A 105 18.42 6.64 -0.26
C GLN A 105 18.33 5.20 -0.79
N ALA A 106 17.13 4.76 -1.17
CA ALA A 106 16.95 3.41 -1.68
C ALA A 106 17.07 3.30 -3.21
N GLY A 107 17.38 4.42 -3.87
CA GLY A 107 17.52 4.41 -5.33
C GLY A 107 16.20 4.23 -6.06
N ALA A 108 15.11 4.66 -5.44
CA ALA A 108 13.79 4.54 -6.05
C ALA A 108 13.30 5.89 -6.54
N LYS A 109 12.41 5.90 -7.53
CA LYS A 109 11.86 7.14 -8.04
C LYS A 109 10.44 7.31 -7.48
N VAL A 110 10.07 8.55 -7.15
CA VAL A 110 8.76 8.85 -6.62
C VAL A 110 7.83 9.41 -7.70
N HIS A 111 6.68 8.78 -7.88
CA HIS A 111 5.70 9.26 -8.86
C HIS A 111 4.58 9.88 -8.02
N VAL A 112 4.33 11.17 -8.19
CA VAL A 112 3.28 11.83 -7.41
C VAL A 112 2.06 11.94 -8.31
N ILE A 113 0.95 11.38 -7.85
CA ILE A 113 -0.27 11.35 -8.66
C ILE A 113 -1.43 12.04 -7.96
N ASP A 114 -2.01 13.00 -8.65
CA ASP A 114 -3.13 13.75 -8.11
C ASP A 114 -4.39 13.03 -8.58
N VAL A 115 -5.11 12.43 -7.64
CA VAL A 115 -6.36 11.72 -7.96
C VAL A 115 -7.57 12.49 -7.41
N GLY A 116 -7.32 13.64 -6.79
CA GLY A 116 -8.42 14.43 -6.25
C GLY A 116 -8.07 15.53 -5.27
N ILE A 117 -7.00 16.29 -5.53
CA ILE A 117 -6.61 17.41 -4.65
C ILE A 117 -7.58 18.59 -4.89
N ASP A 118 -8.05 19.21 -3.80
CA ASP A 118 -8.97 20.35 -3.88
C ASP A 118 -8.14 21.64 -4.01
N ALA A 119 -7.60 21.86 -5.21
CA ALA A 119 -6.78 23.02 -5.51
C ALA A 119 -6.52 23.03 -7.01
N GLU A 120 -5.89 24.08 -7.51
CA GLU A 120 -5.58 24.13 -8.93
C GLU A 120 -4.52 23.07 -9.21
N PRO A 121 -4.47 22.54 -10.44
CA PRO A 121 -3.50 21.51 -10.84
C PRO A 121 -2.08 21.95 -10.50
N ILE A 122 -1.23 21.00 -10.09
CA ILE A 122 0.14 21.32 -9.72
C ILE A 122 1.06 20.84 -10.84
N PRO A 123 1.82 21.76 -11.47
CA PRO A 123 2.70 21.31 -12.55
C PRO A 123 3.70 20.28 -12.04
N GLY A 124 3.97 19.26 -12.86
CA GLY A 124 4.92 18.26 -12.45
C GLY A 124 4.26 17.05 -11.82
N VAL A 125 3.03 17.21 -11.36
CA VAL A 125 2.31 16.08 -10.74
C VAL A 125 1.47 15.37 -11.82
N VAL A 126 1.42 14.03 -11.76
CA VAL A 126 0.64 13.28 -12.76
C VAL A 126 -0.82 13.57 -12.49
N ASN A 127 -1.52 14.04 -13.51
CA ASN A 127 -2.92 14.40 -13.34
C ASN A 127 -3.92 13.26 -13.65
N MET A 128 -4.55 12.72 -12.62
CA MET A 128 -5.60 11.71 -12.79
C MET A 128 -6.76 12.12 -11.88
N ARG A 129 -6.96 13.42 -11.68
CA ARG A 129 -7.99 13.83 -10.75
C ARG A 129 -9.44 13.54 -11.10
N VAL A 130 -10.15 12.97 -10.13
CA VAL A 130 -11.55 12.62 -10.33
C VAL A 130 -12.41 13.83 -10.09
N ALA A 131 -12.10 14.56 -9.00
CA ALA A 131 -12.82 15.77 -8.62
C ALA A 131 -11.99 16.53 -7.59
N ARG A 132 -12.40 17.74 -7.26
CA ARG A 132 -11.66 18.53 -6.28
C ARG A 132 -12.08 18.05 -4.88
N GLY A 133 -11.50 16.94 -4.44
CA GLY A 133 -11.85 16.37 -3.15
C GLY A 133 -13.05 15.43 -3.31
N CYS A 134 -13.19 14.44 -2.43
CA CYS A 134 -14.32 13.52 -2.54
C CYS A 134 -15.44 14.00 -1.63
N GLY A 135 -16.61 13.36 -1.73
CA GLY A 135 -17.72 13.77 -0.88
C GLY A 135 -17.44 13.48 0.58
N ASN A 136 -18.08 14.25 1.46
CA ASN A 136 -17.97 14.12 2.91
C ASN A 136 -18.68 12.82 3.28
N ILE A 137 -17.92 11.80 3.68
CA ILE A 137 -18.53 10.50 4.00
C ILE A 137 -19.47 10.48 5.19
N ALA A 138 -19.46 11.54 6.00
CA ALA A 138 -20.33 11.61 7.17
C ALA A 138 -21.79 11.81 6.78
N VAL A 139 -22.05 12.31 5.57
CA VAL A 139 -23.42 12.57 5.14
C VAL A 139 -23.84 11.87 3.86
N GLY A 140 -22.93 11.11 3.28
CA GLY A 140 -23.25 10.42 2.05
C GLY A 140 -22.00 9.73 1.53
N PRO A 141 -22.01 9.27 0.27
CA PRO A 141 -20.84 8.58 -0.27
C PRO A 141 -19.70 9.50 -0.70
N ALA A 142 -18.49 8.94 -0.67
CA ALA A 142 -17.31 9.66 -1.10
C ALA A 142 -17.37 9.86 -2.62
N MET A 143 -17.92 8.89 -3.35
CA MET A 143 -17.98 8.98 -4.81
C MET A 143 -18.95 7.91 -5.34
N SER A 144 -19.19 7.92 -6.65
CA SER A 144 -20.08 6.92 -7.26
C SER A 144 -19.30 5.65 -7.55
N ARG A 145 -20.00 4.54 -7.72
CA ARG A 145 -19.29 3.30 -8.00
C ARG A 145 -18.53 3.40 -9.32
N LEU A 146 -19.13 4.09 -10.29
CA LEU A 146 -18.53 4.26 -11.60
C LEU A 146 -17.19 4.98 -11.46
N GLN A 147 -17.16 6.03 -10.65
CA GLN A 147 -15.93 6.78 -10.45
C GLN A 147 -14.85 5.91 -9.82
N ALA A 148 -15.25 5.07 -8.87
CA ALA A 148 -14.27 4.22 -8.21
C ALA A 148 -13.71 3.20 -9.21
N GLU A 149 -14.59 2.55 -9.98
CA GLU A 149 -14.13 1.56 -10.94
C GLU A 149 -13.22 2.16 -12.02
N ALA A 150 -13.56 3.35 -12.50
CA ALA A 150 -12.76 3.97 -13.54
C ALA A 150 -11.37 4.37 -13.02
N LEU A 151 -11.30 4.83 -11.77
CA LEU A 151 -10.01 5.21 -11.22
C LEU A 151 -9.16 3.93 -10.98
N LEU A 152 -9.80 2.85 -10.52
CA LEU A 152 -9.05 1.61 -10.31
C LEU A 152 -8.38 1.19 -11.60
N LEU A 153 -9.14 1.21 -12.70
CA LEU A 153 -8.62 0.82 -14.01
C LEU A 153 -7.50 1.71 -14.51
N GLU A 154 -7.71 3.01 -14.43
CA GLU A 154 -6.70 3.95 -14.89
C GLU A 154 -5.38 3.79 -14.10
N VAL A 155 -5.47 3.71 -12.78
CA VAL A 155 -4.25 3.56 -11.95
C VAL A 155 -3.59 2.20 -12.20
N SER A 156 -4.41 1.16 -12.34
CA SER A 156 -3.94 -0.20 -12.62
C SER A 156 -3.09 -0.23 -13.89
N ARG A 157 -3.58 0.46 -14.91
CA ARG A 157 -2.88 0.48 -16.20
C ARG A 157 -1.58 1.27 -16.11
N TYR A 158 -1.62 2.41 -15.45
CA TYR A 158 -0.45 3.25 -15.25
C TYR A 158 0.64 2.43 -14.54
N THR A 159 0.22 1.69 -13.54
CA THR A 159 1.14 0.86 -12.76
C THR A 159 1.82 -0.24 -13.58
N CYS A 160 1.04 -1.03 -14.32
CA CYS A 160 1.64 -2.12 -15.08
C CYS A 160 2.45 -1.53 -16.26
N ASP A 161 2.08 -0.34 -16.76
CA ASP A 161 2.85 0.29 -17.83
C ASP A 161 4.30 0.54 -17.36
N LEU A 162 4.47 0.92 -16.09
CA LEU A 162 5.84 1.16 -15.57
C LEU A 162 6.67 -0.11 -15.66
N ALA A 163 6.00 -1.26 -15.59
CA ALA A 163 6.71 -2.53 -15.69
C ALA A 163 7.43 -2.58 -17.04
N GLN A 164 6.88 -1.92 -18.04
CA GLN A 164 7.51 -1.89 -19.35
C GLN A 164 8.79 -1.07 -19.35
N ARG A 165 8.91 -0.14 -18.42
CA ARG A 165 10.09 0.72 -18.32
C ARG A 165 11.17 0.18 -17.39
N GLY A 166 11.07 -1.09 -17.01
CA GLY A 166 12.06 -1.68 -16.14
C GLY A 166 11.74 -1.72 -14.65
N VAL A 167 10.59 -1.21 -14.25
CA VAL A 167 10.26 -1.24 -12.82
C VAL A 167 9.81 -2.64 -12.40
N THR A 168 10.38 -3.15 -11.31
CA THR A 168 10.01 -4.50 -10.86
C THR A 168 9.56 -4.53 -9.42
N LEU A 169 9.69 -3.40 -8.72
CA LEU A 169 9.30 -3.31 -7.32
C LEU A 169 8.59 -2.00 -7.07
N PHE A 170 7.36 -2.08 -6.58
CA PHE A 170 6.57 -0.89 -6.31
C PHE A 170 6.39 -0.67 -4.82
N GLY A 171 6.13 0.59 -4.47
CA GLY A 171 5.85 0.94 -3.09
C GLY A 171 4.61 1.80 -3.23
N VAL A 172 3.73 1.78 -2.25
CA VAL A 172 2.53 2.58 -2.37
C VAL A 172 2.45 3.58 -1.21
N GLY A 173 1.94 4.76 -1.50
CA GLY A 173 1.80 5.78 -0.45
C GLY A 173 0.62 6.72 -0.72
N GLU A 174 0.38 7.63 0.20
CA GLU A 174 -0.70 8.61 0.07
C GLU A 174 -0.35 9.95 0.68
N LEU A 175 -1.18 10.93 0.35
CA LEU A 175 -1.07 12.29 0.84
C LEU A 175 -2.50 12.81 0.83
N GLY A 176 -3.06 13.10 1.99
CA GLY A 176 -4.41 13.61 2.01
C GLY A 176 -4.85 13.92 3.42
N MET A 177 -5.04 15.20 3.71
CA MET A 177 -5.46 15.58 5.05
C MET A 177 -6.82 14.98 5.34
N ALA A 178 -6.92 14.43 6.54
CA ALA A 178 -8.12 13.77 7.07
C ALA A 178 -8.31 12.34 6.58
N ASN A 179 -7.36 11.79 5.81
CA ASN A 179 -7.62 10.43 5.32
C ASN A 179 -7.54 9.27 6.33
N THR A 180 -7.11 9.49 7.56
CA THR A 180 -7.13 8.36 8.49
C THR A 180 -8.59 8.10 8.96
N THR A 181 -9.52 9.01 8.66
CA THR A 181 -10.94 8.81 9.01
C THR A 181 -11.57 7.77 8.06
N PRO A 182 -11.53 8.01 6.73
CA PRO A 182 -12.12 6.95 5.88
C PRO A 182 -11.35 5.63 6.03
N ALA A 183 -10.04 5.72 6.25
CA ALA A 183 -9.25 4.50 6.44
C ALA A 183 -9.80 3.71 7.62
N ALA A 184 -10.10 4.39 8.72
CA ALA A 184 -10.65 3.69 9.90
C ALA A 184 -12.04 3.12 9.61
N ALA A 185 -12.84 3.85 8.84
CA ALA A 185 -14.17 3.38 8.52
C ALA A 185 -14.03 2.07 7.74
N MET A 186 -13.16 2.06 6.73
CA MET A 186 -12.97 0.86 5.93
C MET A 186 -12.50 -0.31 6.76
N VAL A 187 -11.54 -0.07 7.65
CA VAL A 187 -11.01 -1.16 8.46
C VAL A 187 -12.11 -1.71 9.37
N SER A 188 -12.94 -0.83 9.92
CA SER A 188 -14.05 -1.28 10.79
C SER A 188 -15.02 -2.16 10.01
N VAL A 189 -15.39 -1.72 8.81
CA VAL A 189 -16.31 -2.47 7.96
C VAL A 189 -15.74 -3.82 7.54
N PHE A 190 -14.51 -3.84 7.03
CA PHE A 190 -13.93 -5.11 6.60
C PHE A 190 -13.62 -6.11 7.70
N THR A 191 -13.22 -5.63 8.87
CA THR A 191 -12.86 -6.54 9.96
C THR A 191 -13.95 -6.76 10.99
N GLY A 192 -15.06 -6.03 10.83
CA GLY A 192 -16.14 -6.14 11.80
C GLY A 192 -15.75 -5.66 13.18
N SER A 193 -14.77 -4.74 13.26
CA SER A 193 -14.33 -4.19 14.54
C SER A 193 -15.04 -2.87 14.84
N ASP A 194 -15.26 -2.56 16.11
CA ASP A 194 -15.91 -1.31 16.47
C ASP A 194 -14.99 -0.14 16.17
N ALA A 195 -15.58 0.97 15.72
CA ALA A 195 -14.82 2.18 15.39
C ALA A 195 -13.85 2.62 16.48
N LYS A 196 -14.26 2.48 17.73
CA LYS A 196 -13.39 2.92 18.81
C LYS A 196 -12.05 2.16 18.81
N GLU A 197 -12.08 0.91 18.37
CA GLU A 197 -10.87 0.08 18.34
C GLU A 197 -9.92 0.38 17.18
N VAL A 198 -10.34 1.17 16.20
CA VAL A 198 -9.46 1.43 15.07
C VAL A 198 -9.24 2.88 14.71
N VAL A 199 -9.85 3.79 15.46
CA VAL A 199 -9.68 5.22 15.21
C VAL A 199 -8.50 5.71 16.02
N GLY A 200 -7.49 6.24 15.32
CA GLY A 200 -6.29 6.74 15.98
C GLY A 200 -6.17 8.26 15.94
N ILE A 201 -5.05 8.79 16.41
CA ILE A 201 -4.85 10.24 16.42
C ILE A 201 -4.37 10.83 15.09
N GLY A 202 -4.12 9.98 14.10
CA GLY A 202 -3.66 10.49 12.81
C GLY A 202 -2.49 11.46 12.97
N ALA A 203 -2.58 12.62 12.30
CA ALA A 203 -1.50 13.59 12.39
C ALA A 203 -1.65 14.46 13.64
N ASN A 204 -1.33 13.85 14.78
CA ASN A 204 -1.39 14.54 16.08
C ASN A 204 -2.71 15.16 16.49
N LEU A 205 -3.82 14.47 16.26
CA LEU A 205 -5.12 14.98 16.69
C LEU A 205 -5.13 15.01 18.24
N PRO A 206 -5.60 16.11 18.86
CA PRO A 206 -5.63 16.18 20.33
C PRO A 206 -6.51 15.06 20.89
N PRO A 207 -6.14 14.54 22.05
CA PRO A 207 -6.90 13.45 22.67
C PRO A 207 -8.37 13.81 22.88
N SER A 208 -8.66 15.08 23.09
CA SER A 208 -10.03 15.53 23.32
C SER A 208 -10.89 15.45 22.06
N ARG A 209 -10.26 15.51 20.89
CA ARG A 209 -11.01 15.47 19.64
C ARG A 209 -11.28 14.05 19.12
N ILE A 210 -10.76 13.04 19.82
CA ILE A 210 -10.96 11.66 19.38
C ILE A 210 -12.44 11.23 19.33
N ASP A 211 -13.17 11.52 20.40
CA ASP A 211 -14.59 11.17 20.49
C ASP A 211 -15.35 11.60 19.25
N ASN A 212 -15.12 12.83 18.81
CA ASN A 212 -15.79 13.33 17.63
C ASN A 212 -15.39 12.49 16.41
N LYS A 213 -14.11 12.15 16.31
CA LYS A 213 -13.65 11.35 15.17
C LYS A 213 -14.35 10.00 15.17
N VAL A 214 -14.50 9.36 16.33
CA VAL A 214 -15.18 8.06 16.38
C VAL A 214 -16.63 8.17 15.96
N ASP A 215 -17.29 9.24 16.40
CA ASP A 215 -18.69 9.46 16.05
C ASP A 215 -18.86 9.63 14.54
N VAL A 216 -17.96 10.38 13.92
CA VAL A 216 -18.00 10.61 12.47
C VAL A 216 -17.86 9.27 11.74
N VAL A 217 -16.94 8.42 12.18
CA VAL A 217 -16.78 7.12 11.53
C VAL A 217 -18.05 6.28 11.62
N ARG A 218 -18.67 6.26 12.79
CA ARG A 218 -19.89 5.49 12.96
C ARG A 218 -21.01 6.06 12.07
N ARG A 219 -21.11 7.39 12.01
CA ARG A 219 -22.15 8.01 11.18
C ARG A 219 -21.94 7.64 9.70
N ALA A 220 -20.68 7.69 9.27
CA ALA A 220 -20.32 7.34 7.89
C ALA A 220 -20.83 5.93 7.54
N ILE A 221 -20.59 4.99 8.44
CA ILE A 221 -21.02 3.63 8.22
C ILE A 221 -22.54 3.49 8.25
N ALA A 222 -23.16 4.11 9.25
CA ALA A 222 -24.61 4.03 9.40
C ALA A 222 -25.33 4.61 8.19
N ILE A 223 -24.91 5.79 7.75
CA ILE A 223 -25.56 6.44 6.62
C ILE A 223 -25.34 5.76 5.29
N ASN A 224 -24.12 5.28 5.04
CA ASN A 224 -23.82 4.63 3.77
C ASN A 224 -24.11 3.14 3.65
N GLN A 225 -24.10 2.41 4.77
CA GLN A 225 -24.36 0.97 4.74
C GLN A 225 -23.53 0.25 3.71
N PRO A 226 -22.20 0.40 3.78
CA PRO A 226 -21.35 -0.28 2.82
C PRO A 226 -21.40 -1.80 3.02
N ASN A 227 -21.41 -2.56 1.93
CA ASN A 227 -21.44 -4.02 1.97
C ASN A 227 -20.00 -4.53 2.09
N PRO A 228 -19.66 -5.14 3.24
CA PRO A 228 -18.33 -5.70 3.57
C PRO A 228 -17.83 -6.72 2.56
N ARG A 229 -18.74 -7.34 1.83
CA ARG A 229 -18.34 -8.34 0.86
C ARG A 229 -18.04 -7.76 -0.52
N ASP A 230 -18.26 -6.47 -0.69
CA ASP A 230 -18.01 -5.82 -1.98
C ASP A 230 -16.99 -4.69 -1.73
N GLY A 231 -15.71 -4.97 -1.98
CA GLY A 231 -14.68 -3.97 -1.74
C GLY A 231 -14.83 -2.66 -2.50
N ILE A 232 -15.39 -2.73 -3.71
CA ILE A 232 -15.59 -1.53 -4.49
C ILE A 232 -16.73 -0.71 -3.85
N ASP A 233 -17.74 -1.41 -3.33
CA ASP A 233 -18.86 -0.72 -2.67
C ASP A 233 -18.30 0.01 -1.46
N VAL A 234 -17.43 -0.68 -0.72
CA VAL A 234 -16.86 -0.06 0.46
C VAL A 234 -16.01 1.16 0.13
N LEU A 235 -15.11 1.03 -0.86
CA LEU A 235 -14.25 2.15 -1.24
C LEU A 235 -15.03 3.36 -1.72
N SER A 236 -16.06 3.11 -2.53
CA SER A 236 -16.80 4.24 -3.06
C SER A 236 -17.64 4.94 -2.02
N LYS A 237 -18.12 4.20 -1.02
CA LYS A 237 -18.99 4.80 0.00
C LYS A 237 -18.27 5.50 1.15
N VAL A 238 -17.33 4.79 1.79
CA VAL A 238 -16.63 5.35 2.92
C VAL A 238 -15.12 5.47 2.75
N GLY A 239 -14.65 5.38 1.51
CA GLY A 239 -13.22 5.52 1.22
C GLY A 239 -12.87 6.93 0.73
N GLY A 240 -11.96 7.03 -0.23
CA GLY A 240 -11.54 8.32 -0.77
C GLY A 240 -10.80 8.04 -2.07
N PHE A 241 -10.50 9.06 -2.86
CA PHE A 241 -9.78 8.87 -4.13
C PHE A 241 -8.38 8.33 -3.90
N ASP A 242 -7.71 8.81 -2.84
CA ASP A 242 -6.37 8.34 -2.54
C ASP A 242 -6.43 6.86 -2.18
N LEU A 243 -7.41 6.46 -1.38
CA LEU A 243 -7.55 5.04 -1.01
C LEU A 243 -7.83 4.17 -2.24
N VAL A 244 -8.70 4.65 -3.12
CA VAL A 244 -8.99 3.91 -4.36
C VAL A 244 -7.70 3.80 -5.18
N GLY A 245 -6.98 4.89 -5.30
CA GLY A 245 -5.74 4.85 -6.08
C GLY A 245 -4.74 3.82 -5.56
N MET A 246 -4.55 3.76 -4.24
CA MET A 246 -3.63 2.78 -3.67
C MET A 246 -4.06 1.34 -3.98
N THR A 247 -5.36 1.10 -3.90
CA THR A 247 -5.91 -0.22 -4.20
C THR A 247 -5.58 -0.53 -5.66
N GLY A 248 -5.68 0.50 -6.49
CA GLY A 248 -5.37 0.38 -7.90
C GLY A 248 -3.92 0.01 -8.20
N VAL A 249 -2.98 0.50 -7.39
CA VAL A 249 -1.59 0.17 -7.61
C VAL A 249 -1.43 -1.32 -7.28
N MET A 250 -2.09 -1.75 -6.23
CA MET A 250 -2.01 -3.15 -5.84
C MET A 250 -2.59 -4.06 -6.89
N LEU A 251 -3.73 -3.70 -7.49
CA LEU A 251 -4.31 -4.59 -8.52
C LEU A 251 -3.44 -4.61 -9.77
N GLY A 252 -2.87 -3.45 -10.10
CA GLY A 252 -2.01 -3.35 -11.26
C GLY A 252 -0.70 -4.11 -11.11
N ALA A 253 -0.08 -4.03 -9.94
CA ALA A 253 1.16 -4.76 -9.72
C ALA A 253 0.86 -6.24 -9.81
N ALA A 254 -0.25 -6.67 -9.21
CA ALA A 254 -0.62 -8.07 -9.24
C ALA A 254 -0.88 -8.57 -10.65
N ARG A 255 -1.62 -7.80 -11.44
CA ARG A 255 -1.93 -8.16 -12.81
C ARG A 255 -0.61 -8.35 -13.59
N CYS A 256 0.34 -7.48 -13.26
CA CYS A 256 1.68 -7.45 -13.84
C CYS A 256 2.60 -8.54 -13.26
N GLY A 257 2.11 -9.24 -12.24
CA GLY A 257 2.90 -10.29 -11.62
C GLY A 257 4.12 -9.76 -10.87
N LEU A 258 4.00 -8.58 -10.28
CA LEU A 258 5.12 -7.95 -9.57
C LEU A 258 4.81 -7.60 -8.13
N PRO A 259 5.86 -7.51 -7.29
CA PRO A 259 5.64 -7.18 -5.87
C PRO A 259 5.36 -5.71 -5.55
N VAL A 260 4.56 -5.50 -4.50
CA VAL A 260 4.21 -4.17 -4.01
C VAL A 260 4.44 -4.10 -2.51
N LEU A 261 5.19 -3.11 -2.07
CA LEU A 261 5.45 -2.92 -0.64
C LEU A 261 4.39 -2.02 -0.05
N LEU A 262 3.74 -2.46 1.03
CA LEU A 262 2.75 -1.64 1.70
C LEU A 262 3.50 -0.58 2.52
N ASP A 263 2.76 0.36 3.08
CA ASP A 263 3.32 1.43 3.89
C ASP A 263 2.69 1.30 5.28
N GLY A 264 1.87 2.27 5.69
CA GLY A 264 1.23 2.20 7.00
C GLY A 264 -0.27 1.91 7.01
N PHE A 265 -0.98 2.44 8.00
CA PHE A 265 -2.42 2.22 8.19
C PHE A 265 -3.28 2.49 6.95
N LEU A 266 -3.06 3.63 6.28
CA LEU A 266 -3.86 3.93 5.08
C LEU A 266 -3.68 2.81 4.05
N SER A 267 -2.44 2.36 3.86
CA SER A 267 -2.21 1.32 2.89
C SER A 267 -2.78 -0.01 3.33
N TYR A 268 -2.87 -0.26 4.64
CA TYR A 268 -3.45 -1.53 5.08
C TYR A 268 -4.95 -1.51 4.72
N SER A 269 -5.60 -0.34 4.86
CA SER A 269 -7.01 -0.22 4.53
C SER A 269 -7.23 -0.55 3.08
N ALA A 270 -6.38 0.02 2.22
CA ALA A 270 -6.45 -0.22 0.78
C ALA A 270 -6.18 -1.70 0.47
N ALA A 271 -5.23 -2.31 1.17
CA ALA A 271 -4.93 -3.73 0.92
C ALA A 271 -6.11 -4.65 1.29
N LEU A 272 -6.84 -4.31 2.34
CA LEU A 272 -8.02 -5.10 2.74
C LEU A 272 -9.04 -5.03 1.61
N ALA A 273 -9.20 -3.84 1.05
CA ALA A 273 -10.15 -3.68 -0.06
C ALA A 273 -9.67 -4.48 -1.27
N ALA A 274 -8.39 -4.33 -1.61
CA ALA A 274 -7.84 -5.05 -2.77
C ALA A 274 -8.00 -6.58 -2.66
N CYS A 275 -7.74 -7.13 -1.49
CA CYS A 275 -7.85 -8.58 -1.28
C CYS A 275 -9.30 -9.05 -1.28
N GLN A 276 -10.20 -8.15 -0.93
CA GLN A 276 -11.62 -8.48 -0.92
C GLN A 276 -12.08 -8.56 -2.38
N ILE A 277 -11.64 -7.59 -3.18
CA ILE A 277 -11.98 -7.50 -4.60
C ILE A 277 -11.38 -8.66 -5.40
N ALA A 278 -10.14 -9.02 -5.08
CA ALA A 278 -9.47 -10.10 -5.79
C ALA A 278 -8.47 -10.74 -4.85
N PRO A 279 -8.84 -11.89 -4.26
CA PRO A 279 -7.93 -12.58 -3.33
C PRO A 279 -6.59 -12.93 -3.96
N ALA A 280 -6.57 -13.03 -5.28
CA ALA A 280 -5.34 -13.37 -6.02
C ALA A 280 -4.26 -12.31 -5.87
N VAL A 281 -4.63 -11.15 -5.35
CA VAL A 281 -3.66 -10.08 -5.17
C VAL A 281 -2.72 -10.33 -3.99
N ARG A 282 -3.21 -11.09 -3.01
CA ARG A 282 -2.46 -11.33 -1.76
C ARG A 282 -0.99 -11.77 -1.84
N PRO A 283 -0.67 -12.76 -2.68
CA PRO A 283 0.71 -13.23 -2.80
C PRO A 283 1.74 -12.16 -3.25
N TYR A 284 1.24 -11.06 -3.83
CA TYR A 284 2.10 -10.00 -4.34
C TYR A 284 2.40 -8.88 -3.34
N LEU A 285 1.68 -8.86 -2.22
CA LEU A 285 1.88 -7.79 -1.23
C LEU A 285 2.98 -8.16 -0.26
N ILE A 286 3.78 -7.17 0.11
CA ILE A 286 4.89 -7.36 1.03
C ILE A 286 4.75 -6.23 2.07
N PRO A 287 4.69 -6.59 3.36
CA PRO A 287 4.56 -5.55 4.40
C PRO A 287 5.90 -4.84 4.58
N SER A 288 5.89 -3.60 5.06
CA SER A 288 7.17 -2.93 5.28
C SER A 288 7.33 -2.72 6.78
N HIS A 289 6.59 -1.77 7.34
CA HIS A 289 6.69 -1.50 8.76
C HIS A 289 5.38 -1.64 9.49
N PHE A 290 5.48 -1.65 10.82
CA PHE A 290 4.33 -1.76 11.69
C PHE A 290 3.98 -0.33 12.14
N SER A 291 2.98 0.25 11.50
CA SER A 291 2.52 1.61 11.78
C SER A 291 2.16 1.86 13.26
N ALA A 292 2.45 3.05 13.77
CA ALA A 292 2.11 3.36 15.16
C ALA A 292 0.65 3.84 15.26
N GLU A 293 -0.17 3.57 14.26
CA GLU A 293 -1.56 3.99 14.29
C GLU A 293 -2.34 2.95 15.10
N LYS A 294 -3.30 3.41 15.89
CA LYS A 294 -4.08 2.50 16.74
C LYS A 294 -4.64 1.23 16.08
N GLY A 295 -5.29 1.39 14.92
CA GLY A 295 -5.88 0.23 14.25
C GLY A 295 -4.95 -0.64 13.43
N ALA A 296 -3.64 -0.37 13.50
CA ALA A 296 -2.68 -1.15 12.73
C ALA A 296 -2.72 -2.65 13.07
N ARG A 297 -2.67 -2.99 14.36
CA ARG A 297 -2.66 -4.40 14.73
C ARG A 297 -3.84 -5.19 14.17
N ILE A 298 -5.04 -4.61 14.22
CA ILE A 298 -6.23 -5.29 13.73
C ILE A 298 -6.18 -5.47 12.22
N ALA A 299 -5.85 -4.41 11.49
CA ALA A 299 -5.79 -4.52 10.04
C ALA A 299 -4.77 -5.58 9.60
N LEU A 300 -3.59 -5.57 10.22
CA LEU A 300 -2.55 -6.53 9.86
C LEU A 300 -2.97 -7.98 10.17
N ALA A 301 -3.68 -8.18 11.27
CA ALA A 301 -4.12 -9.53 11.64
C ALA A 301 -5.08 -10.06 10.58
N HIS A 302 -5.93 -9.19 10.03
CA HIS A 302 -6.85 -9.64 9.01
C HIS A 302 -6.17 -9.93 7.68
N LEU A 303 -5.02 -9.29 7.45
CA LEU A 303 -4.26 -9.54 6.22
C LEU A 303 -3.24 -10.67 6.48
N SER A 304 -3.18 -11.14 7.73
CA SER A 304 -2.22 -12.18 8.12
C SER A 304 -0.81 -11.77 7.70
N MET A 305 -0.45 -10.54 8.07
CA MET A 305 0.85 -9.99 7.74
C MET A 305 1.61 -9.56 8.96
N GLU A 306 2.92 -9.78 8.93
CA GLU A 306 3.80 -9.40 10.02
C GLU A 306 4.91 -8.51 9.42
N PRO A 307 4.85 -7.19 9.66
CA PRO A 307 5.88 -6.31 9.11
C PRO A 307 7.32 -6.62 9.55
N TYR A 308 8.27 -6.20 8.72
CA TYR A 308 9.67 -6.42 9.04
C TYR A 308 10.22 -5.37 10.00
N LEU A 309 9.74 -4.14 9.86
CA LEU A 309 10.26 -3.01 10.63
C LEU A 309 9.33 -2.46 11.69
N HIS A 310 9.87 -2.28 12.89
CA HIS A 310 9.12 -1.70 13.99
C HIS A 310 9.80 -0.36 14.26
N MET A 311 9.29 0.69 13.63
CA MET A 311 9.91 2.01 13.75
C MET A 311 9.00 3.07 14.38
N ALA A 312 7.82 2.66 14.84
CA ALA A 312 6.84 3.60 15.42
C ALA A 312 6.56 4.75 14.45
N MET A 313 6.65 4.48 13.16
CA MET A 313 6.40 5.51 12.16
C MET A 313 4.92 5.70 11.85
N ARG A 314 4.56 6.93 11.53
CA ARG A 314 3.18 7.26 11.20
C ARG A 314 3.06 8.47 10.28
N LEU A 315 4.10 8.71 9.48
CA LEU A 315 4.07 9.82 8.55
C LEU A 315 3.19 9.56 7.33
N GLY A 316 3.33 8.35 6.79
CA GLY A 316 2.60 8.01 5.58
C GLY A 316 3.49 8.40 4.40
N GLU A 317 2.87 8.83 3.29
CA GLU A 317 3.57 9.23 2.07
C GLU A 317 4.25 8.10 1.32
N GLY A 318 4.28 6.91 1.91
CA GLY A 318 4.99 5.80 1.29
C GLY A 318 6.40 5.74 1.87
N SER A 319 6.66 6.50 2.93
CA SER A 319 7.98 6.52 3.57
C SER A 319 8.41 5.14 4.11
N GLY A 320 7.48 4.40 4.71
CA GLY A 320 7.81 3.08 5.22
C GLY A 320 8.18 2.11 4.11
N ALA A 321 7.44 2.21 3.00
CA ALA A 321 7.68 1.33 1.86
C ALA A 321 9.10 1.57 1.33
N ALA A 322 9.50 2.83 1.26
CA ALA A 322 10.82 3.15 0.75
C ALA A 322 11.91 2.62 1.69
N LEU A 323 11.66 2.74 2.98
CA LEU A 323 12.60 2.30 3.99
C LEU A 323 12.84 0.79 3.90
N ALA A 324 11.84 0.04 3.44
CA ALA A 324 12.01 -1.41 3.34
C ALA A 324 12.58 -1.93 2.02
N MET A 325 12.71 -1.08 1.01
CA MET A 325 13.24 -1.60 -0.24
C MET A 325 14.62 -2.28 -0.11
N PRO A 326 15.52 -1.77 0.74
CA PRO A 326 16.84 -2.39 0.92
C PRO A 326 16.72 -3.83 1.42
N ILE A 327 15.67 -4.11 2.17
CA ILE A 327 15.44 -5.45 2.71
C ILE A 327 15.11 -6.37 1.54
N VAL A 328 14.29 -5.89 0.60
CA VAL A 328 13.98 -6.73 -0.55
C VAL A 328 15.27 -6.99 -1.34
N GLU A 329 16.06 -5.95 -1.56
CA GLU A 329 17.32 -6.14 -2.26
C GLU A 329 18.27 -7.08 -1.51
N ALA A 330 18.21 -7.07 -0.18
CA ALA A 330 19.06 -7.93 0.61
C ALA A 330 18.71 -9.40 0.40
N ALA A 331 17.42 -9.73 0.28
CA ALA A 331 17.02 -11.12 0.07
C ALA A 331 17.52 -11.58 -1.29
N CYS A 332 17.55 -10.65 -2.26
CA CYS A 332 18.03 -11.00 -3.59
C CYS A 332 19.55 -11.20 -3.57
N ALA A 333 20.25 -10.34 -2.83
CA ALA A 333 21.70 -10.44 -2.72
C ALA A 333 22.09 -11.76 -2.07
N MET A 334 21.36 -12.13 -1.00
CA MET A 334 21.64 -13.38 -0.30
C MET A 334 21.53 -14.52 -1.31
N PHE A 335 20.42 -14.53 -2.05
CA PHE A 335 20.15 -15.59 -3.00
C PHE A 335 21.18 -15.75 -4.12
N HIS A 336 21.57 -14.64 -4.73
CA HIS A 336 22.49 -14.70 -5.85
C HIS A 336 23.98 -14.68 -5.54
N ASN A 337 24.35 -14.12 -4.39
CA ASN A 337 25.77 -13.95 -4.08
C ASN A 337 26.41 -14.86 -3.03
N MET A 338 25.61 -15.50 -2.19
CA MET A 338 26.21 -16.37 -1.17
C MET A 338 26.80 -17.62 -1.78
N GLY A 339 27.83 -18.15 -1.13
CA GLY A 339 28.45 -19.39 -1.60
C GLY A 339 27.64 -20.58 -1.15
N GLU A 340 28.02 -21.78 -1.56
CA GLU A 340 27.29 -22.99 -1.20
C GLU A 340 28.06 -23.96 -0.30
N LEU A 341 27.32 -24.64 0.59
CA LEU A 341 27.90 -25.61 1.52
C LEU A 341 28.77 -26.67 0.84
N ALA A 342 28.25 -27.25 -0.23
CA ALA A 342 28.97 -28.30 -0.96
C ALA A 342 30.34 -27.85 -1.48
N ALA A 343 30.44 -26.61 -1.92
CA ALA A 343 31.70 -26.09 -2.44
C ALA A 343 32.76 -25.96 -1.35
N SER A 344 32.33 -25.90 -0.09
CA SER A 344 33.28 -25.79 1.02
C SER A 344 33.38 -27.13 1.73
N ASN A 345 32.73 -28.14 1.15
CA ASN A 345 32.75 -29.48 1.71
C ASN A 345 32.19 -29.51 3.13
N ILE A 346 31.15 -28.72 3.38
CA ILE A 346 30.55 -28.71 4.70
C ILE A 346 29.27 -29.53 4.63
N VAL A 347 29.18 -30.51 5.53
CA VAL A 347 28.00 -31.37 5.57
C VAL A 347 27.33 -31.23 6.93
N LEU A 348 26.08 -30.82 6.93
CA LEU A 348 25.33 -30.64 8.17
C LEU A 348 24.13 -31.57 8.21
N PRO A 349 23.76 -32.06 9.41
CA PRO A 349 22.63 -32.97 9.60
C PRO A 349 21.33 -32.42 9.02
P PO4 B . -5.01 12.88 9.52
O1 PO4 B . -3.74 12.12 9.30
O2 PO4 B . -5.00 14.05 8.62
O3 PO4 B . -5.06 13.31 10.95
O4 PO4 B . -6.17 12.03 9.20
N1 IMD C . 1.31 17.29 7.71
C2 IMD C . 1.67 16.36 6.80
N3 IMD C . 2.88 16.60 6.23
C4 IMD C . 3.37 17.77 6.82
C5 IMD C . 2.41 18.20 7.73
#